data_5DAA
#
_entry.id   5DAA
#
_cell.length_a   77.850
_cell.length_b   91.870
_cell.length_c   89.380
_cell.angle_alpha   90.00
_cell.angle_beta   90.00
_cell.angle_gamma   90.00
#
_symmetry.space_group_name_H-M   'P 21 21 21'
#
loop_
_entity.id
_entity.type
_entity.pdbx_description
1 polymer 'D-AMINO ACID AMINOTRANSFERASE'
2 non-polymer "PYRIDOXAL-5'-PHOSPHATE"
3 water water
#
_entity_poly.entity_id   1
_entity_poly.type   'polypeptide(L)'
_entity_poly.pdbx_seq_one_letter_code
;GYTLWNDQIVKDEEVKIDKEDRGYQFGDGVYEVVKVYNGEMFTVNEHIDRLYASAEKIRITIPYTKDKFHQLLHELVEKN
ELNTGHIYFQVTRGTSPRAHQFPENTVKPVIIGYTKENPRPLENLEKGVKATFVEDIRWLRCDIKSLNLLGAVLAKQEAH
EKGCYEAILHRNNTVTKGSSSNVFGIKDGILYTHPANNMILKGITRDVVIACANEINMPVKEIPFTTHEALKMDELFVTS
TTSEITPVIEIDGKLIRDGKVGEWTRKLQKQFETKIP
;
_entity_poly.pdbx_strand_id   A,B
#
loop_
_chem_comp.id
_chem_comp.type
_chem_comp.name
_chem_comp.formula
PLP non-polymer PYRIDOXAL-5'-PHOSPHATE 'C8 H10 N O6 P'
#
# COMPACT_ATOMS: atom_id res chain seq x y z
N GLY A 1 4.77 27.64 -8.37
CA GLY A 1 5.60 26.65 -9.12
C GLY A 1 4.80 26.04 -10.24
N TYR A 2 5.46 25.18 -11.01
CA TYR A 2 4.81 24.50 -12.14
C TYR A 2 4.76 23.01 -11.91
N THR A 3 3.61 22.44 -12.24
CA THR A 3 3.36 21.03 -12.08
C THR A 3 3.03 20.38 -13.42
N LEU A 4 3.64 19.23 -13.67
CA LEU A 4 3.36 18.47 -14.87
C LEU A 4 2.07 17.76 -14.51
N TRP A 5 1.06 17.91 -15.36
CA TRP A 5 -0.24 17.29 -15.15
C TRP A 5 -0.61 16.65 -16.46
N ASN A 6 -0.47 15.33 -16.51
CA ASN A 6 -0.75 14.54 -17.71
C ASN A 6 0.23 14.96 -18.80
N ASP A 7 -0.18 15.89 -19.67
CA ASP A 7 0.70 16.37 -20.75
C ASP A 7 0.82 17.88 -20.77
N GLN A 8 0.52 18.53 -19.63
CA GLN A 8 0.57 19.99 -19.54
C GLN A 8 1.36 20.49 -18.34
N ILE A 9 2.27 21.44 -18.56
CA ILE A 9 3.02 22.02 -17.45
C ILE A 9 2.13 23.19 -17.04
N VAL A 10 1.48 23.10 -15.88
CA VAL A 10 0.59 24.16 -15.40
C VAL A 10 1.02 24.64 -14.03
N LYS A 11 0.36 25.65 -13.48
CA LYS A 11 0.70 26.16 -12.16
C LYS A 11 0.07 25.27 -11.10
N ASP A 12 0.75 25.13 -9.96
CA ASP A 12 0.28 24.30 -8.84
C ASP A 12 -1.21 24.43 -8.54
N GLU A 13 -1.72 25.64 -8.75
CA GLU A 13 -3.12 25.99 -8.51
C GLU A 13 -4.16 25.36 -9.47
N GLU A 14 -3.85 25.31 -10.76
CA GLU A 14 -4.75 24.74 -11.77
C GLU A 14 -4.96 23.21 -11.66
N VAL A 15 -4.06 22.55 -10.95
CA VAL A 15 -4.09 21.10 -10.73
C VAL A 15 -5.03 20.65 -9.60
N LYS A 16 -5.89 19.68 -9.90
CA LYS A 16 -6.81 19.15 -8.90
C LYS A 16 -7.06 17.65 -9.04
N ILE A 17 -6.92 16.96 -7.91
CA ILE A 17 -7.09 15.51 -7.83
C ILE A 17 -8.53 15.13 -7.43
N ASP A 18 -9.04 14.04 -7.99
CA ASP A 18 -10.39 13.58 -7.66
C ASP A 18 -10.29 12.52 -6.59
N LYS A 19 -11.27 12.50 -5.69
CA LYS A 19 -11.28 11.55 -4.58
C LYS A 19 -11.35 10.08 -5.01
N GLU A 20 -11.84 9.82 -6.20
CA GLU A 20 -11.92 8.45 -6.68
C GLU A 20 -10.76 8.09 -7.59
N ASP A 21 -9.67 8.84 -7.41
CA ASP A 21 -8.43 8.61 -8.15
C ASP A 21 -7.91 7.34 -7.53
N ARG A 22 -7.85 6.28 -8.33
CA ARG A 22 -7.39 4.98 -7.86
C ARG A 22 -6.11 4.97 -7.03
N GLY A 23 -5.23 5.94 -7.26
CA GLY A 23 -3.99 6.03 -6.50
C GLY A 23 -4.25 6.57 -5.11
N TYR A 24 -5.36 7.28 -4.98
CA TYR A 24 -5.76 7.87 -3.72
C TYR A 24 -6.44 6.84 -2.84
N GLN A 25 -7.27 6.00 -3.45
CA GLN A 25 -8.02 4.98 -2.72
C GLN A 25 -7.38 3.59 -2.58
N PHE A 26 -6.59 3.19 -3.58
CA PHE A 26 -5.94 1.88 -3.59
C PHE A 26 -4.42 1.87 -3.69
N GLY A 27 -3.81 3.03 -3.89
CA GLY A 27 -2.36 3.09 -4.03
C GLY A 27 -2.03 2.43 -5.34
N ASP A 28 -2.98 2.51 -6.26
CA ASP A 28 -2.87 1.92 -7.59
C ASP A 28 -2.10 2.83 -8.55
N GLY A 29 -0.77 2.76 -8.48
CA GLY A 29 0.08 3.56 -9.35
C GLY A 29 1.56 3.39 -9.03
N VAL A 30 2.42 3.88 -9.91
CA VAL A 30 3.87 3.78 -9.73
C VAL A 30 4.52 5.16 -9.75
N TYR A 31 5.80 5.24 -9.38
CA TYR A 31 6.52 6.52 -9.37
C TYR A 31 8.04 6.39 -9.58
N GLU A 32 8.72 7.53 -9.54
CA GLU A 32 10.17 7.63 -9.69
C GLU A 32 10.61 8.94 -9.06
N VAL A 33 11.91 9.08 -8.83
CA VAL A 33 12.47 10.29 -8.27
C VAL A 33 13.86 10.45 -8.86
N VAL A 34 14.02 11.48 -9.69
CA VAL A 34 15.29 11.74 -10.34
C VAL A 34 16.02 12.89 -9.65
N LYS A 35 17.34 12.89 -9.71
CA LYS A 35 18.13 13.95 -9.09
C LYS A 35 18.64 14.88 -10.17
N VAL A 36 18.67 16.17 -9.87
CA VAL A 36 19.15 17.17 -10.81
C VAL A 36 20.37 17.85 -10.20
N TYR A 37 21.48 17.77 -10.93
CA TYR A 37 22.76 18.35 -10.51
C TYR A 37 23.09 19.53 -11.41
N ASN A 38 22.87 20.76 -10.92
CA ASN A 38 23.13 21.97 -11.69
C ASN A 38 22.38 21.99 -13.03
N GLY A 39 21.06 21.88 -12.97
CA GLY A 39 20.25 21.89 -14.18
C GLY A 39 20.29 20.61 -14.98
N GLU A 40 21.25 19.74 -14.66
CA GLU A 40 21.35 18.47 -15.37
C GLU A 40 20.78 17.29 -14.61
N MET A 41 19.89 16.56 -15.29
CA MET A 41 19.23 15.39 -14.75
C MET A 41 20.20 14.21 -14.78
N PHE A 42 20.28 13.48 -13.68
CA PHE A 42 21.16 12.33 -13.56
C PHE A 42 20.43 11.03 -13.90
N THR A 43 21.05 10.19 -14.72
CA THR A 43 20.48 8.91 -15.17
C THR A 43 18.97 8.92 -15.46
N VAL A 44 18.52 9.90 -16.24
CA VAL A 44 17.10 10.05 -16.57
C VAL A 44 16.48 8.97 -17.47
N ASN A 45 17.25 8.41 -18.40
CA ASN A 45 16.72 7.37 -19.27
C ASN A 45 16.44 6.10 -18.49
N GLU A 46 17.32 5.80 -17.54
CA GLU A 46 17.23 4.62 -16.69
C GLU A 46 15.97 4.67 -15.83
N HIS A 47 15.66 5.84 -15.31
CA HIS A 47 14.49 6.06 -14.47
C HIS A 47 13.17 5.96 -15.24
N ILE A 48 13.15 6.49 -16.47
CA ILE A 48 11.95 6.45 -17.32
C ILE A 48 11.66 5.03 -17.77
N ASP A 49 12.70 4.22 -17.94
CA ASP A 49 12.55 2.82 -18.35
C ASP A 49 11.97 1.96 -17.20
N ARG A 50 12.26 2.36 -15.96
CA ARG A 50 11.77 1.66 -14.79
C ARG A 50 10.36 2.11 -14.46
N LEU A 51 9.98 3.31 -14.89
CA LEU A 51 8.63 3.80 -14.63
C LEU A 51 7.72 2.98 -15.52
N TYR A 52 8.04 2.94 -16.82
CA TYR A 52 7.25 2.18 -17.79
C TYR A 52 7.25 0.69 -17.43
N ALA A 53 8.37 0.21 -16.88
CA ALA A 53 8.49 -1.19 -16.48
C ALA A 53 7.58 -1.45 -15.31
N SER A 54 7.59 -0.55 -14.32
CA SER A 54 6.76 -0.70 -13.12
C SER A 54 5.27 -0.58 -13.44
N ALA A 55 4.93 0.24 -14.43
CA ALA A 55 3.54 0.42 -14.83
C ALA A 55 3.05 -0.87 -15.49
N GLU A 56 3.90 -1.43 -16.35
CA GLU A 56 3.61 -2.65 -17.11
C GLU A 56 3.34 -3.87 -16.22
N LYS A 57 3.96 -3.87 -15.04
CA LYS A 57 3.81 -4.96 -14.09
C LYS A 57 2.44 -4.96 -13.42
N ILE A 58 1.76 -3.82 -13.44
CA ILE A 58 0.42 -3.69 -12.88
C ILE A 58 -0.58 -3.33 -13.99
N ARG A 59 -0.15 -3.50 -15.23
CA ARG A 59 -0.98 -3.27 -16.40
C ARG A 59 -1.52 -1.85 -16.62
N ILE A 60 -0.66 -0.86 -16.48
CA ILE A 60 -1.02 0.54 -16.71
C ILE A 60 -0.34 0.93 -18.01
N THR A 61 -1.11 1.52 -18.92
CA THR A 61 -0.56 1.93 -20.21
C THR A 61 -0.36 3.44 -20.27
N ILE A 62 0.89 3.86 -20.16
CA ILE A 62 1.23 5.27 -20.23
C ILE A 62 0.97 5.69 -21.67
N PRO A 63 0.11 6.71 -21.85
CA PRO A 63 -0.29 7.26 -23.16
C PRO A 63 0.77 7.96 -24.01
N TYR A 64 1.92 8.27 -23.42
CA TYR A 64 2.99 8.97 -24.16
C TYR A 64 4.17 8.05 -24.35
N THR A 65 5.02 8.40 -25.31
CA THR A 65 6.22 7.64 -25.60
C THR A 65 7.30 8.08 -24.62
N LYS A 66 8.38 7.30 -24.52
CA LYS A 66 9.46 7.66 -23.60
C LYS A 66 10.12 8.99 -23.99
N ASP A 67 9.90 9.42 -25.22
CA ASP A 67 10.46 10.69 -25.71
C ASP A 67 9.66 11.89 -25.25
N LYS A 68 8.35 11.79 -25.44
CA LYS A 68 7.40 12.83 -25.06
C LYS A 68 7.50 13.05 -23.56
N PHE A 69 7.80 11.97 -22.83
CA PHE A 69 7.96 12.03 -21.39
C PHE A 69 9.27 12.74 -21.07
N HIS A 70 10.34 12.30 -21.74
CA HIS A 70 11.66 12.89 -21.54
C HIS A 70 11.60 14.39 -21.79
N GLN A 71 11.02 14.77 -22.92
CA GLN A 71 10.86 16.15 -23.34
C GLN A 71 10.13 16.97 -22.27
N LEU A 72 9.01 16.43 -21.80
CA LEU A 72 8.18 17.06 -20.76
C LEU A 72 8.96 17.30 -19.47
N LEU A 73 9.72 16.28 -19.05
CA LEU A 73 10.52 16.36 -17.84
C LEU A 73 11.53 17.48 -17.91
N HIS A 74 12.10 17.68 -19.11
CA HIS A 74 13.08 18.71 -19.36
C HIS A 74 12.45 20.12 -19.27
N GLU A 75 11.24 20.27 -19.81
CA GLU A 75 10.51 21.55 -19.77
C GLU A 75 10.25 21.93 -18.31
N LEU A 76 9.88 20.94 -17.51
CA LEU A 76 9.58 21.11 -16.09
C LEU A 76 10.79 21.60 -15.29
N VAL A 77 11.98 21.15 -15.70
CA VAL A 77 13.22 21.54 -15.05
C VAL A 77 13.52 23.02 -15.33
N GLU A 78 13.25 23.47 -16.56
CA GLU A 78 13.49 24.86 -16.93
C GLU A 78 12.48 25.85 -16.39
N LYS A 79 11.19 25.53 -16.53
CA LYS A 79 10.09 26.38 -16.07
C LYS A 79 10.23 26.70 -14.57
N ASN A 80 10.76 25.74 -13.82
CA ASN A 80 10.97 25.90 -12.38
C ASN A 80 12.39 26.39 -12.11
N GLU A 81 13.23 26.38 -13.15
CA GLU A 81 14.62 26.83 -13.05
C GLU A 81 15.34 26.08 -11.92
N LEU A 82 15.09 24.77 -11.85
CA LEU A 82 15.67 23.91 -10.83
C LEU A 82 17.16 23.74 -11.05
N ASN A 83 17.95 24.13 -10.06
CA ASN A 83 19.40 24.02 -10.13
C ASN A 83 19.80 22.64 -9.57
N THR A 84 19.83 22.52 -8.25
CA THR A 84 20.19 21.27 -7.60
C THR A 84 19.07 20.82 -6.66
N GLY A 85 18.45 19.70 -7.02
CA GLY A 85 17.35 19.15 -6.23
C GLY A 85 16.87 17.86 -6.87
N HIS A 86 15.57 17.71 -7.03
CA HIS A 86 15.04 16.49 -7.65
C HIS A 86 13.66 16.64 -8.26
N ILE A 87 13.31 15.66 -9.10
CA ILE A 87 12.01 15.64 -9.75
C ILE A 87 11.26 14.43 -9.23
N TYR A 88 9.99 14.63 -8.90
CA TYR A 88 9.17 13.52 -8.46
C TYR A 88 8.04 13.40 -9.43
N PHE A 89 7.85 12.23 -10.00
CA PHE A 89 6.75 11.99 -10.92
C PHE A 89 6.08 10.65 -10.64
N GLN A 90 4.77 10.58 -10.91
CA GLN A 90 3.98 9.37 -10.67
C GLN A 90 2.79 9.18 -11.63
N VAL A 91 2.34 7.94 -11.75
CA VAL A 91 1.21 7.57 -12.61
C VAL A 91 0.25 6.63 -11.87
N THR A 92 -1.04 6.97 -11.89
CA THR A 92 -2.07 6.15 -11.26
C THR A 92 -2.96 5.65 -12.39
N ARG A 93 -3.76 4.60 -12.13
CA ARG A 93 -4.62 4.07 -13.18
C ARG A 93 -5.64 5.09 -13.68
N GLY A 94 -6.02 6.02 -12.80
CA GLY A 94 -6.97 7.05 -13.17
C GLY A 94 -8.07 7.21 -12.17
N THR A 95 -9.15 7.88 -12.59
CA THR A 95 -10.33 8.10 -11.75
C THR A 95 -11.51 7.32 -12.28
N SER A 96 -12.10 6.52 -11.40
CA SER A 96 -13.25 5.68 -11.70
C SER A 96 -13.94 5.36 -10.38
N PRO A 97 -15.28 5.17 -10.39
CA PRO A 97 -16.02 4.85 -9.16
C PRO A 97 -15.37 3.66 -8.45
N ARG A 98 -15.35 3.72 -7.11
CA ARG A 98 -14.70 2.69 -6.28
C ARG A 98 -15.02 1.22 -6.55
N ALA A 99 -13.97 0.46 -6.87
CA ALA A 99 -14.05 -0.96 -7.16
C ALA A 99 -12.61 -1.50 -7.20
N HIS A 100 -12.37 -2.65 -6.56
CA HIS A 100 -11.03 -3.25 -6.53
C HIS A 100 -10.46 -3.69 -7.88
N GLN A 101 -11.31 -4.27 -8.72
CA GLN A 101 -10.88 -4.73 -10.04
C GLN A 101 -10.70 -3.53 -10.99
N PHE A 102 -9.86 -3.72 -12.00
CA PHE A 102 -9.61 -2.67 -12.98
C PHE A 102 -10.90 -2.17 -13.64
N PRO A 103 -10.93 -0.87 -14.04
CA PRO A 103 -12.09 -0.28 -14.70
C PRO A 103 -12.00 -0.68 -16.18
N GLU A 104 -12.46 0.20 -17.07
CA GLU A 104 -12.39 -0.07 -18.51
C GLU A 104 -11.18 0.63 -19.14
N ASN A 105 -10.83 0.21 -20.36
CA ASN A 105 -9.71 0.80 -21.08
C ASN A 105 -10.03 2.22 -21.54
N THR A 106 -11.11 2.76 -20.98
CA THR A 106 -11.55 4.12 -21.29
C THR A 106 -10.81 5.12 -20.43
N VAL A 107 -10.78 4.87 -19.12
CA VAL A 107 -10.13 5.77 -18.16
C VAL A 107 -8.64 6.05 -18.39
N LYS A 108 -8.32 7.33 -18.52
CA LYS A 108 -6.94 7.78 -18.73
C LYS A 108 -6.21 7.84 -17.39
N PRO A 109 -4.92 7.46 -17.39
CA PRO A 109 -4.10 7.48 -16.17
C PRO A 109 -3.78 8.93 -15.80
N VAL A 110 -3.74 9.24 -14.51
CA VAL A 110 -3.45 10.62 -14.08
C VAL A 110 -1.94 10.75 -13.84
N ILE A 111 -1.32 11.68 -14.54
CA ILE A 111 0.13 11.89 -14.38
C ILE A 111 0.43 13.20 -13.65
N ILE A 112 1.29 13.09 -12.65
CA ILE A 112 1.71 14.23 -11.83
C ILE A 112 3.24 14.23 -11.69
N GLY A 113 3.84 15.41 -11.78
CA GLY A 113 5.29 15.55 -11.66
C GLY A 113 5.66 16.95 -11.23
N TYR A 114 6.55 17.07 -10.25
CA TYR A 114 6.97 18.37 -9.75
C TYR A 114 8.40 18.36 -9.18
N THR A 115 9.01 19.54 -9.08
CA THR A 115 10.39 19.68 -8.60
C THR A 115 10.57 20.15 -7.16
N LYS A 116 11.82 20.16 -6.70
CA LYS A 116 12.15 20.60 -5.35
C LYS A 116 13.64 20.82 -5.16
N GLU A 117 14.01 22.02 -4.71
CA GLU A 117 15.41 22.36 -4.45
C GLU A 117 15.87 21.53 -3.26
N ASN A 118 16.90 20.72 -3.47
CA ASN A 118 17.44 19.88 -2.40
C ASN A 118 18.91 19.55 -2.67
N PRO A 119 19.82 20.16 -1.89
CA PRO A 119 21.28 19.99 -1.99
C PRO A 119 21.72 18.58 -1.68
N ARG A 120 23.01 18.31 -1.91
CA ARG A 120 23.58 17.00 -1.63
C ARG A 120 23.80 16.89 -0.13
N PRO A 121 23.50 15.72 0.47
CA PRO A 121 23.67 15.49 1.90
C PRO A 121 25.16 15.36 2.30
N LEU A 122 25.92 16.42 2.03
CA LEU A 122 27.35 16.47 2.31
C LEU A 122 27.75 15.94 3.68
N GLU A 123 27.05 16.39 4.73
CA GLU A 123 27.35 15.95 6.09
C GLU A 123 27.28 14.43 6.22
N ASN A 124 26.19 13.82 5.75
CA ASN A 124 26.02 12.36 5.79
C ASN A 124 27.08 11.62 4.98
N LEU A 125 27.31 12.10 3.75
CA LEU A 125 28.29 11.50 2.86
C LEU A 125 29.71 11.49 3.44
N GLU A 126 29.98 12.41 4.37
CA GLU A 126 31.30 12.49 4.98
C GLU A 126 31.42 11.76 6.33
N LYS A 127 30.56 12.13 7.28
CA LYS A 127 30.58 11.54 8.62
C LYS A 127 29.78 10.24 8.88
N GLY A 128 28.93 9.84 7.93
CA GLY A 128 28.15 8.63 8.10
C GLY A 128 26.89 8.81 8.92
N VAL A 129 26.09 7.75 9.04
CA VAL A 129 24.85 7.81 9.80
C VAL A 129 24.59 6.64 10.74
N LYS A 130 23.56 6.79 11.57
CA LYS A 130 23.18 5.72 12.46
C LYS A 130 21.96 5.04 11.83
N ALA A 131 21.82 3.76 12.11
CA ALA A 131 20.70 2.99 11.58
C ALA A 131 20.09 2.11 12.67
N THR A 132 18.98 1.47 12.33
CA THR A 132 18.29 0.60 13.25
C THR A 132 17.69 -0.57 12.47
N PHE A 133 17.68 -1.76 13.09
CA PHE A 133 17.13 -2.96 12.48
C PHE A 133 15.64 -2.98 12.70
N VAL A 134 14.87 -3.05 11.62
CA VAL A 134 13.42 -3.09 11.71
C VAL A 134 12.93 -4.21 10.82
N GLU A 135 11.97 -4.99 11.33
CA GLU A 135 11.43 -6.12 10.59
C GLU A 135 10.64 -5.74 9.34
N ASP A 136 10.92 -6.45 8.26
CA ASP A 136 10.25 -6.22 6.99
C ASP A 136 8.84 -6.79 7.05
N ILE A 137 7.86 -5.89 7.02
CA ILE A 137 6.43 -6.25 7.04
C ILE A 137 5.75 -5.68 5.80
N ARG A 138 6.49 -5.59 4.69
CA ARG A 138 5.95 -5.04 3.46
C ARG A 138 5.39 -6.11 2.55
N TRP A 139 4.62 -5.68 1.54
CA TRP A 139 4.02 -6.62 0.60
C TRP A 139 5.10 -7.31 -0.24
N LEU A 140 4.76 -8.45 -0.84
CA LEU A 140 5.72 -9.24 -1.60
C LEU A 140 6.07 -8.83 -3.01
N ARG A 141 5.81 -7.59 -3.39
CA ARG A 141 6.15 -7.14 -4.75
C ARG A 141 6.94 -5.83 -4.80
N CYS A 142 7.99 -5.75 -3.99
CA CYS A 142 8.85 -4.59 -3.92
C CYS A 142 9.71 -4.42 -5.17
N ASP A 143 9.62 -5.37 -6.10
CA ASP A 143 10.35 -5.25 -7.36
C ASP A 143 9.68 -4.14 -8.18
N ILE A 144 8.49 -3.72 -7.73
CA ILE A 144 7.72 -2.65 -8.36
C ILE A 144 7.75 -1.42 -7.43
N LYS A 145 8.11 -0.26 -7.98
CA LYS A 145 8.15 0.97 -7.21
C LYS A 145 6.75 1.59 -7.26
N SER A 146 5.85 1.02 -6.47
CA SER A 146 4.45 1.45 -6.41
C SER A 146 4.20 2.49 -5.33
N LEU A 147 2.93 2.86 -5.14
CA LEU A 147 2.54 3.85 -4.13
C LEU A 147 2.02 3.18 -2.84
N ASN A 148 2.20 1.88 -2.76
CA ASN A 148 1.80 1.09 -1.59
C ASN A 148 3.03 1.18 -0.68
N LEU A 149 3.15 2.30 0.05
CA LEU A 149 4.30 2.55 0.90
C LEU A 149 4.10 2.66 2.39
N LEU A 150 2.95 2.25 2.91
CA LEU A 150 2.72 2.38 4.35
C LEU A 150 3.77 1.65 5.19
N GLY A 151 4.28 0.53 4.68
CA GLY A 151 5.30 -0.22 5.39
C GLY A 151 6.55 0.61 5.51
N ALA A 152 6.88 1.32 4.43
CA ALA A 152 8.05 2.20 4.38
C ALA A 152 7.94 3.39 5.32
N VAL A 153 6.78 4.05 5.34
CA VAL A 153 6.59 5.21 6.23
C VAL A 153 6.70 4.80 7.69
N LEU A 154 6.10 3.65 8.03
CA LEU A 154 6.12 3.15 9.40
C LEU A 154 7.51 2.72 9.86
N ALA A 155 8.36 2.32 8.91
CA ALA A 155 9.74 1.91 9.22
C ALA A 155 10.63 3.13 9.42
N LYS A 156 10.55 4.10 8.50
CA LYS A 156 11.34 5.32 8.57
C LYS A 156 11.05 6.10 9.86
N GLN A 157 9.78 6.16 10.21
CA GLN A 157 9.34 6.87 11.40
C GLN A 157 9.96 6.30 12.66
N GLU A 158 10.11 4.98 12.68
CA GLU A 158 10.68 4.27 13.83
C GLU A 158 12.16 4.59 13.99
N ALA A 159 12.87 4.65 12.85
CA ALA A 159 14.28 4.98 12.83
C ALA A 159 14.38 6.42 13.33
N HIS A 160 13.50 7.25 12.81
CA HIS A 160 13.45 8.67 13.15
C HIS A 160 13.27 8.96 14.65
N GLU A 161 12.31 8.30 15.29
CA GLU A 161 12.07 8.49 16.72
C GLU A 161 13.26 8.02 17.57
N LYS A 162 14.06 7.12 16.99
CA LYS A 162 15.26 6.59 17.63
C LYS A 162 16.45 7.44 17.21
N GLY A 163 16.18 8.56 16.53
CA GLY A 163 17.25 9.44 16.09
C GLY A 163 18.19 8.82 15.06
N CYS A 164 17.68 7.85 14.31
CA CYS A 164 18.47 7.20 13.27
C CYS A 164 18.04 7.75 11.94
N TYR A 165 18.93 7.65 10.97
CA TYR A 165 18.65 8.16 9.64
C TYR A 165 17.79 7.20 8.84
N GLU A 166 18.20 5.93 8.82
CA GLU A 166 17.47 4.91 8.07
C GLU A 166 17.18 3.66 8.90
N ALA A 167 16.24 2.86 8.41
CA ALA A 167 15.83 1.61 9.04
C ALA A 167 16.21 0.46 8.13
N ILE A 168 17.08 -0.42 8.61
CA ILE A 168 17.51 -1.56 7.83
C ILE A 168 16.57 -2.75 8.08
N LEU A 169 15.79 -3.07 7.05
CA LEU A 169 14.80 -4.12 7.08
C LEU A 169 15.38 -5.51 6.93
N HIS A 170 14.86 -6.45 7.71
CA HIS A 170 15.26 -7.85 7.67
C HIS A 170 14.03 -8.75 7.73
N ARG A 171 14.03 -9.80 6.91
CA ARG A 171 12.94 -10.77 6.91
C ARG A 171 13.58 -12.14 7.05
N ASN A 172 13.28 -12.79 8.18
CA ASN A 172 13.81 -14.11 8.49
C ASN A 172 15.29 -13.91 8.82
N ASN A 173 15.55 -12.82 9.55
CA ASN A 173 16.89 -12.44 9.99
C ASN A 173 17.87 -12.12 8.85
N THR A 174 17.37 -12.16 7.61
CA THR A 174 18.18 -11.85 6.45
C THR A 174 17.88 -10.43 6.00
N VAL A 175 18.91 -9.59 6.00
CA VAL A 175 18.81 -8.20 5.59
C VAL A 175 18.34 -8.12 4.15
N THR A 176 17.30 -7.33 3.89
CA THR A 176 16.77 -7.19 2.55
C THR A 176 17.08 -5.84 1.89
N LYS A 177 16.63 -4.76 2.53
CA LYS A 177 16.80 -3.41 2.00
C LYS A 177 16.40 -2.42 3.11
N GLY A 178 16.62 -1.13 2.86
CA GLY A 178 16.23 -0.12 3.83
C GLY A 178 14.79 0.30 3.52
N SER A 179 14.20 1.16 4.37
CA SER A 179 12.83 1.62 4.14
C SER A 179 12.71 2.26 2.76
N SER A 180 13.74 3.00 2.35
CA SER A 180 13.76 3.64 1.05
C SER A 180 15.15 3.71 0.44
N SER A 181 15.88 2.58 0.49
CA SER A 181 17.24 2.48 -0.06
C SER A 181 17.73 1.02 -0.15
N ASN A 182 18.86 0.81 -0.81
CA ASN A 182 19.45 -0.51 -0.93
C ASN A 182 20.62 -0.59 0.05
N VAL A 183 20.85 -1.77 0.62
CA VAL A 183 21.93 -1.96 1.59
C VAL A 183 23.13 -2.72 1.03
N PHE A 184 24.32 -2.29 1.41
CA PHE A 184 25.55 -2.93 0.96
C PHE A 184 26.47 -3.21 2.13
N GLY A 185 27.14 -4.36 2.06
CA GLY A 185 28.07 -4.74 3.10
C GLY A 185 29.41 -5.09 2.52
N ILE A 186 30.48 -4.72 3.22
CA ILE A 186 31.84 -5.00 2.76
C ILE A 186 32.61 -5.79 3.80
N LYS A 187 33.24 -6.87 3.35
CA LYS A 187 34.02 -7.73 4.21
C LYS A 187 35.18 -8.25 3.38
N ASP A 188 36.40 -7.92 3.80
CA ASP A 188 37.60 -8.35 3.09
C ASP A 188 37.61 -7.94 1.62
N GLY A 189 37.56 -6.64 1.39
CA GLY A 189 37.60 -6.12 0.02
C GLY A 189 36.61 -6.67 -1.00
N ILE A 190 35.55 -7.31 -0.51
CA ILE A 190 34.50 -7.89 -1.37
C ILE A 190 33.17 -7.20 -1.04
N LEU A 191 32.42 -6.85 -2.08
CA LEU A 191 31.14 -6.15 -1.92
C LEU A 191 29.91 -7.04 -1.94
N TYR A 192 29.17 -7.01 -0.83
CA TYR A 192 27.98 -7.83 -0.68
C TYR A 192 26.66 -7.07 -0.65
N THR A 193 25.67 -7.59 -1.38
CA THR A 193 24.34 -7.02 -1.42
C THR A 193 23.30 -8.05 -1.86
N HIS A 194 22.10 -7.94 -1.30
CA HIS A 194 20.99 -8.85 -1.59
C HIS A 194 20.62 -8.87 -3.09
N PRO A 195 20.53 -10.06 -3.70
CA PRO A 195 20.19 -10.24 -5.12
C PRO A 195 18.82 -9.68 -5.50
N ALA A 196 18.67 -9.29 -6.76
CA ALA A 196 17.43 -8.69 -7.23
C ALA A 196 16.23 -9.61 -7.44
N ASN A 197 15.35 -9.68 -6.44
CA ASN A 197 14.13 -10.47 -6.57
C ASN A 197 12.94 -9.67 -6.05
N ASN A 198 11.78 -10.32 -5.92
CA ASN A 198 10.58 -9.67 -5.44
C ASN A 198 10.72 -9.02 -4.06
N MET A 199 11.79 -9.37 -3.34
CA MET A 199 12.06 -8.84 -2.01
C MET A 199 12.61 -7.42 -1.99
N ILE A 200 13.37 -7.04 -3.03
CA ILE A 200 13.97 -5.71 -3.09
C ILE A 200 13.70 -5.00 -4.41
N LEU A 201 13.76 -3.67 -4.35
CA LEU A 201 13.59 -2.83 -5.53
C LEU A 201 14.99 -2.70 -6.15
N LYS A 202 15.10 -3.02 -7.42
CA LYS A 202 16.38 -2.94 -8.12
C LYS A 202 16.64 -1.46 -8.44
N GLY A 203 17.27 -0.77 -7.48
CA GLY A 203 17.57 0.64 -7.63
C GLY A 203 18.62 0.99 -8.66
N ILE A 204 18.49 2.20 -9.21
CA ILE A 204 19.43 2.70 -10.22
C ILE A 204 20.77 3.02 -9.57
N THR A 205 20.75 3.68 -8.40
CA THR A 205 22.00 4.00 -7.71
C THR A 205 22.69 2.69 -7.34
N ARG A 206 21.91 1.67 -7.01
CA ARG A 206 22.48 0.37 -6.66
C ARG A 206 23.35 -0.15 -7.81
N ASP A 207 22.80 -0.09 -9.03
CA ASP A 207 23.50 -0.58 -10.21
C ASP A 207 24.72 0.27 -10.55
N VAL A 208 24.61 1.58 -10.37
CA VAL A 208 25.73 2.47 -10.62
C VAL A 208 26.86 2.02 -9.71
N VAL A 209 26.59 1.94 -8.40
CA VAL A 209 27.59 1.48 -7.44
C VAL A 209 28.21 0.14 -7.84
N ILE A 210 27.41 -0.76 -8.39
CA ILE A 210 27.94 -2.06 -8.80
C ILE A 210 28.87 -1.90 -10.02
N ALA A 211 28.57 -0.93 -10.88
CA ALA A 211 29.39 -0.68 -12.06
C ALA A 211 30.69 0.00 -11.59
N CYS A 212 30.56 0.91 -10.63
CA CYS A 212 31.70 1.64 -10.04
C CYS A 212 32.66 0.69 -9.32
N ALA A 213 32.15 -0.49 -8.96
CA ALA A 213 32.95 -1.50 -8.28
C ALA A 213 33.75 -2.27 -9.31
N ASN A 214 33.13 -2.56 -10.45
CA ASN A 214 33.83 -3.29 -11.51
C ASN A 214 34.97 -2.45 -12.07
N GLU A 215 34.72 -1.15 -12.19
CA GLU A 215 35.68 -0.19 -12.71
C GLU A 215 36.90 0.01 -11.83
N ILE A 216 36.76 -0.28 -10.53
CA ILE A 216 37.87 -0.17 -9.58
C ILE A 216 38.38 -1.54 -9.12
N ASN A 217 38.09 -2.56 -9.92
CA ASN A 217 38.51 -3.94 -9.64
C ASN A 217 38.13 -4.46 -8.27
N MET A 218 36.86 -4.30 -7.92
CA MET A 218 36.37 -4.78 -6.64
C MET A 218 35.38 -5.92 -6.84
N PRO A 219 35.62 -7.05 -6.16
CA PRO A 219 34.74 -8.22 -6.27
C PRO A 219 33.37 -8.01 -5.61
N VAL A 220 32.31 -8.26 -6.38
CA VAL A 220 30.94 -8.10 -5.93
C VAL A 220 30.22 -9.45 -5.81
N LYS A 221 29.67 -9.70 -4.62
CA LYS A 221 28.94 -10.93 -4.33
C LYS A 221 27.50 -10.62 -3.95
N GLU A 222 26.56 -10.96 -4.84
CA GLU A 222 25.14 -10.72 -4.56
C GLU A 222 24.60 -11.88 -3.76
N ILE A 223 25.12 -11.98 -2.54
CA ILE A 223 24.76 -13.00 -1.58
C ILE A 223 24.12 -12.26 -0.40
N PRO A 224 22.91 -12.69 0.00
CA PRO A 224 22.21 -12.06 1.12
C PRO A 224 22.97 -12.38 2.40
N PHE A 225 22.93 -11.47 3.35
CA PHE A 225 23.59 -11.71 4.62
C PHE A 225 22.61 -11.46 5.74
N THR A 226 22.80 -12.17 6.84
CA THR A 226 21.93 -12.05 7.99
C THR A 226 22.28 -10.78 8.77
N THR A 227 21.50 -10.49 9.81
CA THR A 227 21.73 -9.33 10.63
C THR A 227 22.97 -9.56 11.48
N HIS A 228 23.19 -10.82 11.85
CA HIS A 228 24.34 -11.21 12.67
C HIS A 228 25.64 -10.99 11.91
N GLU A 229 25.59 -11.18 10.59
CA GLU A 229 26.75 -10.99 9.73
C GLU A 229 26.92 -9.53 9.34
N ALA A 230 25.82 -8.78 9.35
CA ALA A 230 25.86 -7.36 9.00
C ALA A 230 26.68 -6.60 10.06
N LEU A 231 26.45 -6.94 11.32
CA LEU A 231 27.16 -6.30 12.43
C LEU A 231 28.65 -6.63 12.44
N LYS A 232 29.05 -7.64 11.69
CA LYS A 232 30.45 -8.08 11.60
C LYS A 232 31.22 -7.57 10.37
N MET A 233 30.60 -6.68 9.59
CA MET A 233 31.21 -6.12 8.38
C MET A 233 32.31 -5.10 8.69
N ASP A 234 33.27 -4.97 7.77
CA ASP A 234 34.34 -3.97 7.93
C ASP A 234 33.72 -2.62 7.63
N GLU A 235 32.87 -2.60 6.61
CA GLU A 235 32.19 -1.39 6.19
C GLU A 235 30.72 -1.67 5.87
N LEU A 236 29.91 -0.61 5.85
CA LEU A 236 28.49 -0.73 5.57
C LEU A 236 27.89 0.60 5.09
N PHE A 237 27.02 0.54 4.08
CA PHE A 237 26.38 1.75 3.56
C PHE A 237 25.09 1.48 2.81
N VAL A 238 24.35 2.55 2.52
CA VAL A 238 23.09 2.46 1.80
C VAL A 238 23.10 3.34 0.55
N THR A 239 22.23 3.04 -0.40
CA THR A 239 22.16 3.80 -1.63
C THR A 239 20.74 4.15 -2.07
N SER A 240 20.64 5.23 -2.83
CA SER A 240 19.37 5.74 -3.37
C SER A 240 19.68 7.00 -4.16
N THR A 241 18.76 7.40 -5.03
CA THR A 241 18.95 8.59 -5.82
C THR A 241 19.28 9.83 -4.99
N THR A 242 18.62 10.01 -3.84
CA THR A 242 18.85 11.18 -2.97
C THR A 242 19.90 11.05 -1.86
N SER A 243 20.18 9.84 -1.42
CA SER A 243 21.18 9.61 -0.38
C SER A 243 22.51 9.27 -1.05
N GLU A 244 22.44 9.00 -2.35
CA GLU A 244 23.60 8.62 -3.16
C GLU A 244 24.24 7.43 -2.44
N ILE A 245 25.47 7.61 -1.95
CA ILE A 245 26.15 6.53 -1.22
C ILE A 245 26.38 6.97 0.23
N THR A 246 25.36 6.82 1.08
CA THR A 246 25.48 7.23 2.48
C THR A 246 26.05 6.10 3.32
N PRO A 247 27.14 6.38 4.05
CA PRO A 247 27.80 5.39 4.91
C PRO A 247 27.13 5.23 6.27
N VAL A 248 26.81 3.99 6.65
CA VAL A 248 26.21 3.72 7.96
C VAL A 248 27.36 3.30 8.88
N ILE A 249 27.56 4.04 9.97
CA ILE A 249 28.64 3.73 10.89
C ILE A 249 28.19 3.15 12.23
N GLU A 250 26.89 2.90 12.39
CA GLU A 250 26.36 2.37 13.65
C GLU A 250 24.94 1.86 13.52
N ILE A 251 24.68 0.65 14.01
CA ILE A 251 23.35 0.06 13.98
C ILE A 251 22.95 -0.29 15.40
N ASP A 252 21.98 0.47 15.92
CA ASP A 252 21.49 0.24 17.27
C ASP A 252 22.58 0.27 18.33
N GLY A 253 23.29 1.40 18.40
CA GLY A 253 24.34 1.54 19.39
C GLY A 253 25.58 0.69 19.15
N LYS A 254 25.56 -0.09 18.08
CA LYS A 254 26.69 -0.95 17.77
C LYS A 254 27.44 -0.47 16.54
N LEU A 255 28.66 0.02 16.77
CA LEU A 255 29.53 0.53 15.74
C LEU A 255 29.91 -0.56 14.73
N ILE A 256 30.12 -0.14 13.49
CA ILE A 256 30.54 -1.03 12.43
C ILE A 256 32.04 -0.80 12.37
N ARG A 257 32.77 -1.73 12.98
CA ARG A 257 34.23 -1.70 13.10
C ARG A 257 34.65 -0.63 14.11
N ASP A 258 35.29 0.44 13.65
CA ASP A 258 35.72 1.51 14.55
C ASP A 258 34.74 2.68 14.60
N GLY A 259 33.71 2.61 13.77
CA GLY A 259 32.72 3.67 13.70
C GLY A 259 33.15 4.79 12.76
N LYS A 260 34.04 4.49 11.83
CA LYS A 260 34.54 5.47 10.86
C LYS A 260 34.23 4.99 9.44
N VAL A 261 34.22 5.91 8.48
CA VAL A 261 33.94 5.58 7.08
C VAL A 261 35.07 4.75 6.46
N GLY A 262 34.76 3.55 5.99
CA GLY A 262 35.78 2.68 5.40
C GLY A 262 36.45 3.22 4.15
N GLU A 263 37.57 2.61 3.79
CA GLU A 263 38.32 3.05 2.61
C GLU A 263 37.66 2.66 1.29
N TRP A 264 37.03 1.49 1.28
CA TRP A 264 36.35 1.00 0.09
C TRP A 264 35.14 1.86 -0.23
N THR A 265 34.47 2.33 0.83
CA THR A 265 33.32 3.23 0.70
C THR A 265 33.85 4.51 0.07
N ARG A 266 34.98 5.00 0.58
CA ARG A 266 35.60 6.22 0.07
C ARG A 266 35.97 6.10 -1.40
N LYS A 267 36.43 4.92 -1.80
CA LYS A 267 36.82 4.68 -3.19
C LYS A 267 35.60 4.62 -4.10
N LEU A 268 34.50 4.08 -3.59
CA LEU A 268 33.28 3.98 -4.37
C LEU A 268 32.65 5.38 -4.48
N GLN A 269 32.68 6.13 -3.38
CA GLN A 269 32.13 7.49 -3.38
C GLN A 269 32.94 8.33 -4.34
N LYS A 270 34.25 8.08 -4.40
CA LYS A 270 35.15 8.82 -5.29
C LYS A 270 34.88 8.50 -6.77
N GLN A 271 34.65 7.23 -7.06
CA GLN A 271 34.38 6.77 -8.41
C GLN A 271 32.98 7.22 -8.84
N PHE A 272 32.04 7.20 -7.91
CA PHE A 272 30.66 7.61 -8.17
C PHE A 272 30.62 9.09 -8.56
N GLU A 273 31.50 9.87 -7.94
CA GLU A 273 31.60 11.31 -8.19
C GLU A 273 31.90 11.61 -9.66
N THR A 274 32.67 10.73 -10.30
CA THR A 274 33.06 10.89 -11.70
C THR A 274 31.88 10.79 -12.66
N LYS A 275 30.83 10.09 -12.24
CA LYS A 275 29.65 9.90 -13.08
C LYS A 275 28.63 11.03 -12.96
N ILE A 276 28.77 11.83 -11.92
CA ILE A 276 27.90 12.98 -11.66
C ILE A 276 28.20 14.14 -12.63
N PRO A 277 27.15 14.83 -13.12
CA PRO A 277 27.27 15.96 -14.05
C PRO A 277 28.08 17.15 -13.49
N GLY B 1 -24.27 15.26 -6.00
CA GLY B 1 -24.47 14.76 -4.62
C GLY B 1 -23.66 15.56 -3.62
N TYR B 2 -23.64 15.09 -2.38
CA TYR B 2 -22.92 15.75 -1.31
C TYR B 2 -21.83 14.85 -0.76
N THR B 3 -20.70 15.48 -0.44
CA THR B 3 -19.54 14.80 0.10
C THR B 3 -19.11 15.45 1.40
N LEU B 4 -18.79 14.61 2.38
CA LEU B 4 -18.32 15.09 3.68
C LEU B 4 -16.83 15.42 3.51
N TRP B 5 -16.49 16.67 3.79
CA TRP B 5 -15.12 17.13 3.67
C TRP B 5 -14.72 17.73 5.01
N ASN B 6 -13.99 16.93 5.79
CA ASN B 6 -13.54 17.30 7.13
C ASN B 6 -14.80 17.42 7.96
N ASP B 7 -15.25 18.64 8.24
CA ASP B 7 -16.47 18.82 9.02
C ASP B 7 -17.55 19.56 8.23
N GLN B 8 -17.46 19.48 6.91
CA GLN B 8 -18.41 20.17 6.03
C GLN B 8 -19.05 19.24 5.00
N ILE B 9 -20.35 19.46 4.78
CA ILE B 9 -21.09 18.70 3.78
C ILE B 9 -21.09 19.67 2.58
N VAL B 10 -20.45 19.28 1.50
CA VAL B 10 -20.36 20.16 0.33
C VAL B 10 -20.72 19.42 -0.95
N LYS B 11 -20.79 20.15 -2.05
CA LYS B 11 -21.08 19.54 -3.34
C LYS B 11 -19.79 18.95 -3.86
N ASP B 12 -19.91 17.78 -4.49
CA ASP B 12 -18.76 17.06 -5.05
C ASP B 12 -17.73 17.94 -5.77
N GLU B 13 -18.22 18.85 -6.63
CA GLU B 13 -17.34 19.74 -7.39
C GLU B 13 -16.39 20.54 -6.49
N GLU B 14 -16.93 21.13 -5.43
CA GLU B 14 -16.17 21.94 -4.50
C GLU B 14 -15.02 21.20 -3.81
N VAL B 15 -15.07 19.87 -3.80
CA VAL B 15 -14.06 19.02 -3.15
C VAL B 15 -12.78 18.81 -3.97
N LYS B 16 -11.61 18.97 -3.34
CA LYS B 16 -10.36 18.75 -4.06
C LYS B 16 -9.18 18.25 -3.23
N ILE B 17 -8.53 17.22 -3.76
CA ILE B 17 -7.39 16.57 -3.13
C ILE B 17 -6.06 17.15 -3.63
N ASP B 18 -5.14 17.33 -2.70
CA ASP B 18 -3.82 17.88 -2.96
C ASP B 18 -2.83 16.77 -3.34
N LYS B 19 -1.96 17.06 -4.32
CA LYS B 19 -0.97 16.11 -4.79
C LYS B 19 -0.01 15.65 -3.69
N GLU B 20 0.01 16.38 -2.56
CA GLU B 20 0.88 16.02 -1.45
C GLU B 20 0.17 15.49 -0.21
N ASP B 21 -1.07 15.03 -0.42
CA ASP B 21 -1.87 14.44 0.63
C ASP B 21 -1.18 13.09 0.90
N ARG B 22 -0.72 12.87 2.12
CA ARG B 22 0.01 11.64 2.47
C ARG B 22 -0.67 10.32 2.05
N GLY B 23 -1.99 10.36 1.86
CA GLY B 23 -2.74 9.20 1.44
C GLY B 23 -2.60 8.99 -0.04
N TYR B 24 -2.32 10.08 -0.76
CA TYR B 24 -2.14 10.02 -2.20
C TYR B 24 -0.76 9.48 -2.58
N GLN B 25 0.26 9.95 -1.87
CA GLN B 25 1.64 9.56 -2.14
C GLN B 25 2.17 8.34 -1.36
N PHE B 26 1.64 8.09 -0.17
CA PHE B 26 2.11 6.97 0.65
C PHE B 26 1.07 5.92 1.06
N GLY B 27 -0.21 6.29 0.95
CA GLY B 27 -1.27 5.39 1.36
C GLY B 27 -1.44 5.54 2.86
N ASP B 28 -0.97 6.68 3.37
CA ASP B 28 -0.99 7.02 4.79
C ASP B 28 -2.38 7.43 5.30
N GLY B 29 -3.28 6.46 5.37
CA GLY B 29 -4.64 6.70 5.83
C GLY B 29 -5.42 5.43 6.15
N VAL B 30 -6.59 5.60 6.76
CA VAL B 30 -7.46 4.48 7.13
C VAL B 30 -8.86 4.68 6.55
N TYR B 31 -9.70 3.65 6.59
CA TYR B 31 -11.05 3.78 6.04
C TYR B 31 -12.06 2.77 6.59
N GLU B 32 -13.31 2.92 6.15
CA GLU B 32 -14.44 2.06 6.54
C GLU B 32 -15.48 2.10 5.43
N VAL B 33 -16.42 1.16 5.47
CA VAL B 33 -17.53 1.09 4.51
C VAL B 33 -18.75 0.64 5.31
N VAL B 34 -19.77 1.48 5.36
CA VAL B 34 -20.98 1.17 6.11
C VAL B 34 -22.16 0.96 5.18
N LYS B 35 -22.95 -0.08 5.44
CA LYS B 35 -24.12 -0.38 4.63
C LYS B 35 -25.37 0.27 5.22
N VAL B 36 -26.24 0.75 4.34
CA VAL B 36 -27.46 1.42 4.73
C VAL B 36 -28.66 0.69 4.11
N TYR B 37 -29.59 0.28 4.96
CA TYR B 37 -30.78 -0.44 4.54
C TYR B 37 -32.00 0.44 4.74
N ASN B 38 -32.57 0.96 3.67
CA ASN B 38 -33.75 1.83 3.79
C ASN B 38 -33.51 2.98 4.77
N GLY B 39 -32.53 3.82 4.45
CA GLY B 39 -32.22 4.97 5.29
C GLY B 39 -31.64 4.70 6.66
N GLU B 40 -31.31 3.44 6.94
CA GLU B 40 -30.73 3.06 8.23
C GLU B 40 -29.32 2.46 8.13
N MET B 41 -28.40 3.06 8.87
CA MET B 41 -27.01 2.62 8.90
C MET B 41 -26.86 1.37 9.74
N PHE B 42 -26.32 0.32 9.12
CA PHE B 42 -26.13 -0.96 9.81
C PHE B 42 -24.82 -1.02 10.63
N THR B 43 -24.95 -1.36 11.91
CA THR B 43 -23.83 -1.45 12.86
C THR B 43 -22.80 -0.30 12.74
N VAL B 44 -23.32 0.92 12.74
CA VAL B 44 -22.51 2.12 12.60
C VAL B 44 -21.45 2.33 13.67
N ASN B 45 -21.80 2.11 14.93
CA ASN B 45 -20.86 2.30 16.03
C ASN B 45 -19.68 1.38 15.92
N GLU B 46 -19.95 0.11 15.57
CA GLU B 46 -18.91 -0.88 15.41
C GLU B 46 -17.89 -0.37 14.39
N HIS B 47 -18.42 0.21 13.30
CA HIS B 47 -17.63 0.74 12.22
C HIS B 47 -16.84 2.00 12.60
N ILE B 48 -17.48 2.87 13.39
CA ILE B 48 -16.86 4.11 13.85
C ILE B 48 -15.73 3.81 14.84
N ASP B 49 -15.93 2.82 15.71
CA ASP B 49 -14.92 2.43 16.68
C ASP B 49 -13.69 1.92 15.94
N ARG B 50 -13.90 1.10 14.92
CA ARG B 50 -12.77 0.57 14.20
C ARG B 50 -11.99 1.61 13.41
N LEU B 51 -12.64 2.68 12.97
CA LEU B 51 -11.95 3.74 12.23
C LEU B 51 -10.92 4.36 13.17
N TYR B 52 -11.40 4.76 14.35
CA TYR B 52 -10.58 5.38 15.38
C TYR B 52 -9.48 4.45 15.86
N ALA B 53 -9.78 3.16 15.91
CA ALA B 53 -8.81 2.15 16.33
C ALA B 53 -7.72 2.01 15.28
N SER B 54 -8.13 1.95 14.00
CA SER B 54 -7.18 1.81 12.90
C SER B 54 -6.31 3.05 12.76
N ALA B 55 -6.89 4.22 13.04
CA ALA B 55 -6.15 5.49 12.96
C ALA B 55 -5.11 5.56 14.06
N GLU B 56 -5.49 5.08 15.24
CA GLU B 56 -4.61 5.07 16.40
C GLU B 56 -3.40 4.14 16.22
N LYS B 57 -3.60 3.07 15.45
CA LYS B 57 -2.55 2.10 15.17
C LYS B 57 -1.39 2.69 14.37
N ILE B 58 -1.67 3.76 13.64
CA ILE B 58 -0.63 4.41 12.86
C ILE B 58 -0.42 5.82 13.37
N ARG B 59 -0.84 6.05 14.61
CA ARG B 59 -0.73 7.31 15.31
C ARG B 59 -1.28 8.54 14.58
N ILE B 60 -2.52 8.38 14.10
CA ILE B 60 -3.27 9.46 13.46
C ILE B 60 -4.32 9.88 14.47
N THR B 61 -4.45 11.19 14.67
CA THR B 61 -5.43 11.70 15.61
C THR B 61 -6.57 12.37 14.89
N ILE B 62 -7.75 11.75 14.99
CA ILE B 62 -8.95 12.29 14.37
C ILE B 62 -9.36 13.45 15.27
N PRO B 63 -9.64 14.61 14.68
CA PRO B 63 -10.05 15.82 15.42
C PRO B 63 -11.46 15.85 15.99
N TYR B 64 -12.29 14.86 15.66
CA TYR B 64 -13.66 14.86 16.16
C TYR B 64 -13.94 13.73 17.12
N THR B 65 -14.96 13.92 17.94
CA THR B 65 -15.37 12.91 18.88
C THR B 65 -16.25 11.94 18.09
N LYS B 66 -16.26 10.68 18.51
CA LYS B 66 -17.06 9.69 17.82
C LYS B 66 -18.51 10.15 17.66
N ASP B 67 -18.91 11.11 18.50
CA ASP B 67 -20.27 11.65 18.44
C ASP B 67 -20.43 12.65 17.31
N LYS B 68 -19.45 13.53 17.15
CA LYS B 68 -19.44 14.52 16.08
C LYS B 68 -19.37 13.77 14.76
N PHE B 69 -18.60 12.69 14.76
CA PHE B 69 -18.42 11.87 13.57
C PHE B 69 -19.71 11.12 13.21
N HIS B 70 -20.43 10.64 14.22
CA HIS B 70 -21.69 9.92 14.00
C HIS B 70 -22.73 10.86 13.38
N GLN B 71 -22.87 12.04 13.98
CA GLN B 71 -23.81 13.06 13.52
C GLN B 71 -23.55 13.45 12.05
N LEU B 72 -22.27 13.69 11.73
CA LEU B 72 -21.83 14.07 10.40
C LEU B 72 -22.23 13.01 9.38
N LEU B 73 -22.11 11.74 9.78
CA LEU B 73 -22.46 10.62 8.94
C LEU B 73 -23.95 10.57 8.67
N HIS B 74 -24.74 10.93 9.67
CA HIS B 74 -26.20 10.93 9.52
C HIS B 74 -26.68 12.03 8.58
N GLU B 75 -26.10 13.21 8.74
CA GLU B 75 -26.42 14.38 7.91
C GLU B 75 -26.17 14.08 6.44
N LEU B 76 -25.10 13.33 6.18
CA LEU B 76 -24.72 12.96 4.82
C LEU B 76 -25.72 12.04 4.15
N VAL B 77 -26.32 11.14 4.92
CA VAL B 77 -27.31 10.21 4.38
C VAL B 77 -28.56 10.96 3.92
N GLU B 78 -28.97 11.95 4.72
CA GLU B 78 -30.15 12.75 4.40
C GLU B 78 -29.95 13.68 3.20
N LYS B 79 -28.87 14.46 3.22
CA LYS B 79 -28.55 15.38 2.13
C LYS B 79 -28.55 14.67 0.79
N ASN B 80 -28.08 13.41 0.81
CA ASN B 80 -28.02 12.60 -0.40
C ASN B 80 -29.28 11.77 -0.57
N GLU B 81 -30.10 11.72 0.48
CA GLU B 81 -31.34 10.95 0.48
C GLU B 81 -31.11 9.48 0.15
N LEU B 82 -29.98 8.95 0.60
CA LEU B 82 -29.61 7.56 0.35
C LEU B 82 -30.59 6.63 1.04
N ASN B 83 -31.15 5.70 0.26
CA ASN B 83 -32.11 4.71 0.73
C ASN B 83 -31.40 3.43 1.10
N THR B 84 -30.98 2.68 0.07
CA THR B 84 -30.26 1.44 0.24
C THR B 84 -28.97 1.50 -0.57
N GLY B 85 -27.86 1.35 0.13
CA GLY B 85 -26.56 1.39 -0.51
C GLY B 85 -25.51 1.46 0.58
N HIS B 86 -24.46 2.26 0.38
CA HIS B 86 -23.42 2.38 1.40
C HIS B 86 -22.71 3.72 1.50
N ILE B 87 -22.10 3.94 2.67
CA ILE B 87 -21.33 5.15 2.95
C ILE B 87 -19.85 4.80 3.05
N TYR B 88 -19.04 5.45 2.23
CA TYR B 88 -17.60 5.21 2.27
C TYR B 88 -16.93 6.41 2.93
N PHE B 89 -15.97 6.15 3.82
CA PHE B 89 -15.25 7.24 4.47
C PHE B 89 -13.83 6.89 4.88
N GLN B 90 -12.93 7.86 4.73
CA GLN B 90 -11.53 7.68 5.06
C GLN B 90 -10.92 8.89 5.75
N VAL B 91 -9.72 8.70 6.31
CA VAL B 91 -8.96 9.72 7.00
C VAL B 91 -7.47 9.54 6.66
N THR B 92 -6.85 10.56 6.08
CA THR B 92 -5.42 10.49 5.77
C THR B 92 -4.71 11.42 6.74
N ARG B 93 -3.42 11.19 6.97
CA ARG B 93 -2.68 12.03 7.92
C ARG B 93 -2.74 13.53 7.62
N GLY B 94 -3.01 13.86 6.36
CA GLY B 94 -3.09 15.25 5.96
C GLY B 94 -2.11 15.59 4.86
N THR B 95 -2.05 16.86 4.49
CA THR B 95 -1.14 17.31 3.43
C THR B 95 0.13 17.97 3.98
N SER B 96 1.26 17.55 3.42
CA SER B 96 2.59 18.04 3.80
C SER B 96 3.63 17.70 2.70
N PRO B 97 4.70 18.50 2.57
CA PRO B 97 5.73 18.22 1.54
C PRO B 97 6.27 16.80 1.66
N ARG B 98 6.47 16.13 0.52
CA ARG B 98 6.90 14.73 0.51
C ARG B 98 8.08 14.31 1.41
N ALA B 99 7.80 13.33 2.26
CA ALA B 99 8.77 12.75 3.20
C ALA B 99 8.11 11.53 3.84
N HIS B 100 8.88 10.46 4.02
CA HIS B 100 8.35 9.23 4.61
C HIS B 100 7.94 9.36 6.09
N GLN B 101 8.80 9.97 6.91
CA GLN B 101 8.51 10.14 8.33
C GLN B 101 7.32 11.06 8.59
N PHE B 102 6.75 10.93 9.78
CA PHE B 102 5.59 11.72 10.17
C PHE B 102 5.92 13.19 10.17
N PRO B 103 4.93 14.03 9.77
CA PRO B 103 5.09 15.49 9.73
C PRO B 103 4.91 16.05 11.12
N GLU B 104 4.82 17.37 11.22
CA GLU B 104 4.60 18.01 12.51
C GLU B 104 3.11 17.94 12.82
N ASN B 105 2.80 17.66 14.08
CA ASN B 105 1.43 17.54 14.56
C ASN B 105 0.50 18.64 14.06
N THR B 106 1.10 19.69 13.49
CA THR B 106 0.38 20.82 12.94
C THR B 106 -0.60 20.40 11.85
N VAL B 107 -0.17 19.49 10.98
CA VAL B 107 -1.00 19.05 9.86
C VAL B 107 -2.33 18.43 10.26
N LYS B 108 -3.42 19.00 9.73
CA LYS B 108 -4.77 18.51 9.99
C LYS B 108 -5.06 17.32 9.07
N PRO B 109 -5.73 16.28 9.62
CA PRO B 109 -6.05 15.11 8.81
C PRO B 109 -7.17 15.45 7.85
N VAL B 110 -7.09 14.95 6.63
CA VAL B 110 -8.15 15.21 5.67
C VAL B 110 -9.16 14.08 5.76
N ILE B 111 -10.44 14.45 5.83
CA ILE B 111 -11.52 13.48 5.91
C ILE B 111 -12.44 13.61 4.69
N ILE B 112 -12.77 12.47 4.09
CA ILE B 112 -13.63 12.42 2.92
C ILE B 112 -14.67 11.31 3.11
N GLY B 113 -15.93 11.65 2.82
CA GLY B 113 -17.00 10.67 2.94
C GLY B 113 -18.08 10.93 1.91
N TYR B 114 -18.66 9.88 1.35
CA TYR B 114 -19.71 10.01 0.35
C TYR B 114 -20.58 8.75 0.22
N THR B 115 -21.70 8.87 -0.50
CA THR B 115 -22.62 7.75 -0.63
C THR B 115 -22.79 7.20 -2.03
N LYS B 116 -23.56 6.13 -2.12
CA LYS B 116 -23.86 5.48 -3.39
C LYS B 116 -25.03 4.51 -3.25
N GLU B 117 -26.01 4.64 -4.15
CA GLU B 117 -27.16 3.75 -4.17
C GLU B 117 -26.65 2.40 -4.68
N ASN B 118 -26.81 1.37 -3.87
CA ASN B 118 -26.33 0.05 -4.23
C ASN B 118 -27.13 -1.00 -3.45
N PRO B 119 -28.01 -1.73 -4.14
CA PRO B 119 -28.86 -2.77 -3.58
C PRO B 119 -28.10 -4.03 -3.16
N ARG B 120 -28.74 -4.81 -2.29
CA ARG B 120 -28.17 -6.06 -1.79
C ARG B 120 -27.97 -7.04 -2.97
N PRO B 121 -26.87 -7.80 -2.96
CA PRO B 121 -26.55 -8.78 -4.02
C PRO B 121 -27.37 -10.06 -3.88
N LEU B 122 -28.69 -9.90 -3.91
CA LEU B 122 -29.66 -10.97 -3.76
C LEU B 122 -29.42 -12.23 -4.59
N GLU B 123 -29.07 -12.07 -5.87
CA GLU B 123 -28.80 -13.22 -6.73
C GLU B 123 -27.64 -14.05 -6.18
N ASN B 124 -26.60 -13.35 -5.72
CA ASN B 124 -25.42 -14.00 -5.16
C ASN B 124 -25.73 -14.64 -3.81
N LEU B 125 -26.61 -14.02 -3.03
CA LEU B 125 -26.99 -14.55 -1.72
C LEU B 125 -27.75 -15.86 -1.85
N GLU B 126 -28.49 -15.99 -2.96
CA GLU B 126 -29.31 -17.16 -3.25
C GLU B 126 -28.57 -18.27 -3.97
N LYS B 127 -28.07 -17.98 -5.17
CA LYS B 127 -27.38 -18.98 -6.00
C LYS B 127 -25.89 -19.24 -5.75
N GLY B 128 -25.25 -18.42 -4.92
CA GLY B 128 -23.84 -18.61 -4.62
C GLY B 128 -22.89 -18.01 -5.64
N VAL B 129 -21.60 -18.18 -5.44
CA VAL B 129 -20.59 -17.63 -6.35
C VAL B 129 -19.38 -18.52 -6.61
N LYS B 130 -18.62 -18.13 -7.64
CA LYS B 130 -17.39 -18.85 -8.00
C LYS B 130 -16.19 -18.17 -7.35
N ALA B 131 -15.12 -18.94 -7.15
CA ALA B 131 -13.91 -18.41 -6.54
C ALA B 131 -12.62 -19.07 -7.07
N THR B 132 -11.48 -18.46 -6.76
CA THR B 132 -10.19 -18.97 -7.19
C THR B 132 -9.17 -18.80 -6.05
N PHE B 133 -8.18 -19.69 -5.97
CA PHE B 133 -7.15 -19.59 -4.95
C PHE B 133 -6.01 -18.71 -5.50
N VAL B 134 -5.72 -17.62 -4.78
CA VAL B 134 -4.64 -16.71 -5.17
C VAL B 134 -3.72 -16.60 -3.98
N GLU B 135 -2.42 -16.55 -4.26
CA GLU B 135 -1.42 -16.45 -3.20
C GLU B 135 -1.43 -15.09 -2.50
N ASP B 136 -1.26 -15.14 -1.18
CA ASP B 136 -1.26 -13.92 -0.36
C ASP B 136 0.08 -13.21 -0.48
N ILE B 137 0.08 -12.01 -1.06
CA ILE B 137 1.30 -11.24 -1.22
C ILE B 137 1.17 -9.87 -0.56
N ARG B 138 0.14 -9.72 0.27
CA ARG B 138 -0.10 -8.46 0.94
C ARG B 138 0.84 -8.26 2.12
N TRP B 139 0.89 -7.04 2.64
CA TRP B 139 1.75 -6.73 3.76
C TRP B 139 1.28 -7.37 5.07
N LEU B 140 2.10 -7.27 6.11
CA LEU B 140 1.82 -7.90 7.39
C LEU B 140 1.11 -7.12 8.47
N ARG B 141 0.18 -6.25 8.07
CA ARG B 141 -0.59 -5.47 9.03
C ARG B 141 -2.01 -5.30 8.55
N CYS B 142 -2.63 -6.43 8.19
CA CYS B 142 -3.98 -6.41 7.69
C CYS B 142 -5.04 -6.22 8.76
N ASP B 143 -4.60 -6.10 10.00
CA ASP B 143 -5.51 -5.87 11.12
C ASP B 143 -5.94 -4.39 11.03
N ILE B 144 -5.10 -3.59 10.38
CA ILE B 144 -5.35 -2.16 10.16
C ILE B 144 -6.06 -2.07 8.82
N LYS B 145 -7.24 -1.45 8.78
CA LYS B 145 -7.98 -1.32 7.52
C LYS B 145 -7.50 -0.03 6.86
N SER B 146 -6.33 -0.07 6.23
CA SER B 146 -5.75 1.11 5.58
C SER B 146 -5.88 1.16 4.07
N LEU B 147 -5.40 2.26 3.50
CA LEU B 147 -5.42 2.53 2.06
C LEU B 147 -4.29 1.86 1.25
N ASN B 148 -3.53 0.99 1.92
CA ASN B 148 -2.42 0.24 1.30
C ASN B 148 -3.06 -1.04 0.73
N LEU B 149 -3.79 -0.88 -0.38
CA LEU B 149 -4.53 -1.98 -0.99
C LEU B 149 -4.07 -2.51 -2.33
N LEU B 150 -2.88 -2.14 -2.80
CA LEU B 150 -2.46 -2.62 -4.11
C LEU B 150 -2.40 -4.16 -4.19
N GLY B 151 -2.18 -4.81 -3.06
CA GLY B 151 -2.13 -6.27 -3.03
C GLY B 151 -3.50 -6.88 -3.29
N ALA B 152 -4.53 -6.18 -2.84
CA ALA B 152 -5.92 -6.62 -3.01
C ALA B 152 -6.48 -6.41 -4.43
N VAL B 153 -6.16 -5.28 -5.07
CA VAL B 153 -6.68 -5.02 -6.41
C VAL B 153 -6.11 -5.99 -7.44
N LEU B 154 -4.86 -6.41 -7.24
CA LEU B 154 -4.22 -7.34 -8.16
C LEU B 154 -4.82 -8.75 -8.00
N ALA B 155 -5.23 -9.07 -6.78
CA ALA B 155 -5.84 -10.36 -6.47
C ALA B 155 -7.25 -10.39 -7.05
N LYS B 156 -8.03 -9.35 -6.75
CA LYS B 156 -9.41 -9.23 -7.22
C LYS B 156 -9.48 -9.25 -8.76
N GLN B 157 -8.56 -8.52 -9.39
CA GLN B 157 -8.50 -8.45 -10.84
C GLN B 157 -8.23 -9.80 -11.49
N GLU B 158 -7.39 -10.62 -10.84
CA GLU B 158 -7.08 -11.94 -11.35
C GLU B 158 -8.35 -12.79 -11.32
N ALA B 159 -9.11 -12.63 -10.24
CA ALA B 159 -10.36 -13.35 -10.04
C ALA B 159 -11.30 -13.00 -11.18
N HIS B 160 -11.49 -11.69 -11.37
CA HIS B 160 -12.36 -11.17 -12.42
C HIS B 160 -12.03 -11.63 -13.83
N GLU B 161 -10.73 -11.74 -14.12
CA GLU B 161 -10.30 -12.17 -15.44
C GLU B 161 -10.68 -13.62 -15.71
N LYS B 162 -10.91 -14.38 -14.64
CA LYS B 162 -11.29 -15.77 -14.73
C LYS B 162 -12.80 -15.95 -14.58
N GLY B 163 -13.51 -14.84 -14.40
CA GLY B 163 -14.95 -14.90 -14.24
C GLY B 163 -15.36 -15.29 -12.83
N CYS B 164 -14.47 -15.05 -11.87
CA CYS B 164 -14.76 -15.36 -10.48
C CYS B 164 -15.23 -14.11 -9.76
N TYR B 165 -15.87 -14.33 -8.62
CA TYR B 165 -16.38 -13.23 -7.82
C TYR B 165 -15.27 -12.77 -6.88
N GLU B 166 -14.72 -13.71 -6.13
CA GLU B 166 -13.67 -13.40 -5.19
C GLU B 166 -12.46 -14.30 -5.35
N ALA B 167 -11.33 -13.80 -4.85
CA ALA B 167 -10.07 -14.53 -4.87
C ALA B 167 -9.81 -14.89 -3.41
N ILE B 168 -9.50 -16.15 -3.16
CA ILE B 168 -9.23 -16.62 -1.81
C ILE B 168 -7.73 -16.67 -1.63
N LEU B 169 -7.22 -15.83 -0.74
CA LEU B 169 -5.77 -15.73 -0.49
C LEU B 169 -5.26 -16.76 0.49
N HIS B 170 -4.09 -17.31 0.19
CA HIS B 170 -3.46 -18.30 1.04
C HIS B 170 -1.96 -18.02 1.09
N ARG B 171 -1.41 -18.15 2.29
CA ARG B 171 0.02 -17.95 2.51
C ARG B 171 0.53 -19.23 3.16
N ASN B 172 1.51 -19.87 2.53
CA ASN B 172 2.06 -21.13 3.04
C ASN B 172 0.97 -22.20 2.86
N ASN B 173 0.14 -22.01 1.84
CA ASN B 173 -0.97 -22.89 1.47
C ASN B 173 -2.09 -22.98 2.52
N THR B 174 -2.06 -22.05 3.45
CA THR B 174 -3.05 -22.00 4.48
C THR B 174 -3.97 -20.81 4.21
N VAL B 175 -5.25 -21.10 4.03
CA VAL B 175 -6.24 -20.06 3.76
C VAL B 175 -6.25 -18.96 4.79
N THR B 176 -6.15 -17.72 4.30
CA THR B 176 -6.13 -16.56 5.18
C THR B 176 -7.38 -15.69 5.04
N LYS B 177 -7.57 -15.08 3.87
CA LYS B 177 -8.70 -14.19 3.65
C LYS B 177 -8.99 -14.01 2.16
N GLY B 178 -10.08 -13.31 1.88
CA GLY B 178 -10.44 -13.00 0.51
C GLY B 178 -9.84 -11.64 0.24
N SER B 179 -9.66 -11.28 -1.03
CA SER B 179 -9.06 -9.99 -1.35
C SER B 179 -9.74 -8.85 -0.57
N SER B 180 -11.06 -8.93 -0.43
CA SER B 180 -11.80 -7.93 0.31
C SER B 180 -12.87 -8.53 1.24
N SER B 181 -12.57 -9.70 1.81
CA SER B 181 -13.51 -10.39 2.70
C SER B 181 -12.91 -11.49 3.56
N ASN B 182 -13.68 -11.96 4.54
CA ASN B 182 -13.27 -13.04 5.45
C ASN B 182 -13.84 -14.38 4.91
N VAL B 183 -13.08 -15.47 5.04
CA VAL B 183 -13.51 -16.80 4.56
C VAL B 183 -13.91 -17.77 5.67
N PHE B 184 -15.07 -18.41 5.50
CA PHE B 184 -15.58 -19.37 6.46
C PHE B 184 -15.75 -20.73 5.77
N GLY B 185 -15.58 -21.80 6.54
CA GLY B 185 -15.74 -23.15 6.02
C GLY B 185 -16.56 -23.99 6.99
N ILE B 186 -17.45 -24.84 6.47
CA ILE B 186 -18.26 -25.70 7.35
C ILE B 186 -18.11 -27.19 7.07
N LYS B 187 -17.79 -27.92 8.14
CA LYS B 187 -17.62 -29.35 8.07
C LYS B 187 -18.29 -30.02 9.27
N ASP B 188 -19.28 -30.86 8.98
CA ASP B 188 -20.07 -31.60 9.98
C ASP B 188 -20.76 -30.73 11.02
N GLY B 189 -21.39 -29.66 10.51
CA GLY B 189 -22.12 -28.73 11.36
C GLY B 189 -21.28 -27.79 12.20
N ILE B 190 -19.97 -27.78 11.97
CA ILE B 190 -19.08 -26.90 12.73
C ILE B 190 -18.49 -25.80 11.86
N LEU B 191 -18.57 -24.57 12.35
CA LEU B 191 -18.04 -23.40 11.66
C LEU B 191 -16.54 -23.20 11.92
N TYR B 192 -15.77 -23.10 10.83
CA TYR B 192 -14.32 -22.89 10.91
C TYR B 192 -13.99 -21.56 10.25
N THR B 193 -12.95 -20.90 10.77
CA THR B 193 -12.48 -19.62 10.24
C THR B 193 -11.17 -19.21 10.89
N HIS B 194 -10.25 -18.70 10.07
CA HIS B 194 -8.94 -18.26 10.54
C HIS B 194 -9.06 -17.22 11.69
N PRO B 195 -8.37 -17.47 12.82
CA PRO B 195 -8.38 -16.61 14.00
C PRO B 195 -7.91 -15.19 13.71
N ALA B 196 -8.21 -14.28 14.61
CA ALA B 196 -7.86 -12.88 14.44
C ALA B 196 -6.43 -12.47 14.83
N ASN B 197 -5.57 -12.34 13.84
CA ASN B 197 -4.20 -11.86 14.07
C ASN B 197 -3.82 -10.93 12.94
N ASN B 198 -2.56 -10.53 12.87
CA ASN B 198 -2.10 -9.61 11.82
C ASN B 198 -2.28 -10.12 10.39
N MET B 199 -2.61 -11.40 10.24
CA MET B 199 -2.80 -12.00 8.92
C MET B 199 -4.16 -11.65 8.28
N ILE B 200 -5.16 -11.36 9.11
CA ILE B 200 -6.50 -11.04 8.62
C ILE B 200 -7.17 -9.86 9.34
N LEU B 201 -7.99 -9.12 8.61
CA LEU B 201 -8.74 -8.02 9.22
C LEU B 201 -9.94 -8.63 9.96
N LYS B 202 -10.09 -8.28 11.22
CA LYS B 202 -11.19 -8.80 12.03
C LYS B 202 -12.48 -8.11 11.59
N GLY B 203 -13.08 -8.63 10.52
CA GLY B 203 -14.30 -8.06 9.97
C GLY B 203 -15.47 -7.90 10.92
N ILE B 204 -16.35 -6.94 10.62
CA ILE B 204 -17.53 -6.72 11.46
C ILE B 204 -18.61 -7.72 11.07
N THR B 205 -18.76 -7.97 9.78
CA THR B 205 -19.72 -8.96 9.31
C THR B 205 -19.27 -10.31 9.92
N ARG B 206 -17.96 -10.55 9.87
CA ARG B 206 -17.33 -11.74 10.41
C ARG B 206 -17.73 -11.99 11.87
N ASP B 207 -17.77 -10.93 12.68
CA ASP B 207 -18.11 -11.06 14.10
C ASP B 207 -19.61 -11.27 14.34
N VAL B 208 -20.43 -10.68 13.47
CA VAL B 208 -21.88 -10.82 13.56
C VAL B 208 -22.23 -12.28 13.29
N VAL B 209 -21.67 -12.84 12.22
CA VAL B 209 -21.89 -14.24 11.84
C VAL B 209 -21.49 -15.23 12.97
N ILE B 210 -20.50 -14.87 13.76
CA ILE B 210 -20.07 -15.72 14.86
C ILE B 210 -21.11 -15.63 16.00
N ALA B 211 -21.73 -14.46 16.14
CA ALA B 211 -22.74 -14.25 17.15
C ALA B 211 -23.96 -15.05 16.72
N CYS B 212 -24.30 -14.94 15.43
CA CYS B 212 -25.42 -15.65 14.84
C CYS B 212 -25.24 -17.16 15.03
N ALA B 213 -24.01 -17.63 14.84
CA ALA B 213 -23.69 -19.04 15.00
C ALA B 213 -23.91 -19.46 16.46
N ASN B 214 -23.55 -18.59 17.39
CA ASN B 214 -23.72 -18.89 18.80
C ASN B 214 -25.19 -18.91 19.18
N GLU B 215 -25.96 -18.04 18.53
CA GLU B 215 -27.39 -17.93 18.77
C GLU B 215 -28.19 -19.15 18.33
N ILE B 216 -27.83 -19.73 17.19
CA ILE B 216 -28.52 -20.92 16.70
C ILE B 216 -27.85 -22.22 17.17
N ASN B 217 -27.10 -22.11 18.26
CA ASN B 217 -26.40 -23.25 18.86
C ASN B 217 -25.48 -24.06 17.93
N MET B 218 -24.74 -23.35 17.07
CA MET B 218 -23.79 -23.98 16.14
C MET B 218 -22.37 -23.71 16.68
N PRO B 219 -21.56 -24.77 16.85
CA PRO B 219 -20.20 -24.61 17.36
C PRO B 219 -19.22 -23.98 16.37
N VAL B 220 -18.35 -23.11 16.88
CA VAL B 220 -17.35 -22.44 16.04
C VAL B 220 -15.93 -22.67 16.56
N LYS B 221 -15.03 -23.00 15.63
CA LYS B 221 -13.62 -23.27 15.91
C LYS B 221 -12.78 -22.34 15.04
N GLU B 222 -12.14 -21.35 15.65
CA GLU B 222 -11.30 -20.43 14.89
C GLU B 222 -9.92 -21.03 14.60
N ILE B 223 -9.95 -22.13 13.86
CA ILE B 223 -8.76 -22.88 13.49
C ILE B 223 -8.48 -22.71 11.98
N PRO B 224 -7.22 -22.42 11.61
CA PRO B 224 -6.87 -22.25 10.20
C PRO B 224 -6.94 -23.59 9.43
N PHE B 225 -7.53 -23.56 8.24
CA PHE B 225 -7.61 -24.75 7.39
C PHE B 225 -6.86 -24.50 6.07
N THR B 226 -6.31 -25.57 5.49
CA THR B 226 -5.55 -25.44 4.27
C THR B 226 -6.43 -25.39 3.03
N THR B 227 -5.81 -25.09 1.90
CA THR B 227 -6.52 -25.00 0.62
C THR B 227 -7.06 -26.35 0.16
N HIS B 228 -6.43 -27.42 0.63
CA HIS B 228 -6.86 -28.77 0.27
C HIS B 228 -8.06 -29.14 1.13
N GLU B 229 -7.99 -28.76 2.41
CA GLU B 229 -9.06 -29.00 3.37
C GLU B 229 -10.28 -28.14 3.02
N ALA B 230 -10.03 -27.05 2.30
CA ALA B 230 -11.08 -26.13 1.88
C ALA B 230 -11.94 -26.82 0.80
N LEU B 231 -11.28 -27.48 -0.15
CA LEU B 231 -11.99 -28.17 -1.23
C LEU B 231 -12.72 -29.43 -0.74
N LYS B 232 -12.50 -29.80 0.53
CA LYS B 232 -13.11 -30.96 1.16
C LYS B 232 -14.25 -30.58 2.12
N MET B 233 -14.62 -29.30 2.13
CA MET B 233 -15.69 -28.81 3.00
C MET B 233 -17.08 -29.07 2.43
N ASP B 234 -18.08 -29.06 3.31
CA ASP B 234 -19.47 -29.27 2.91
C ASP B 234 -20.04 -27.96 2.38
N GLU B 235 -19.71 -26.88 3.06
CA GLU B 235 -20.18 -25.54 2.68
C GLU B 235 -19.04 -24.55 2.85
N LEU B 236 -19.09 -23.47 2.07
CA LEU B 236 -18.06 -22.45 2.13
C LEU B 236 -18.64 -21.11 1.70
N PHE B 237 -18.41 -20.09 2.51
CA PHE B 237 -18.89 -18.75 2.20
C PHE B 237 -17.92 -17.67 2.66
N VAL B 238 -18.06 -16.47 2.08
CA VAL B 238 -17.21 -15.33 2.43
C VAL B 238 -18.09 -14.19 2.97
N THR B 239 -17.51 -13.35 3.82
CA THR B 239 -18.23 -12.22 4.41
C THR B 239 -17.56 -10.83 4.26
N SER B 240 -18.39 -9.80 4.11
CA SER B 240 -17.95 -8.41 3.99
C SER B 240 -19.19 -7.52 4.07
N THR B 241 -19.05 -6.31 4.64
CA THR B 241 -20.18 -5.38 4.79
C THR B 241 -21.13 -5.35 3.60
N THR B 242 -20.60 -5.33 2.39
CA THR B 242 -21.44 -5.30 1.20
C THR B 242 -21.90 -6.68 0.73
N SER B 243 -21.03 -7.68 0.86
CA SER B 243 -21.31 -9.05 0.45
C SER B 243 -22.27 -9.79 1.37
N GLU B 244 -22.33 -9.36 2.63
CA GLU B 244 -23.17 -10.01 3.63
C GLU B 244 -22.67 -11.44 3.76
N ILE B 245 -23.53 -12.42 3.53
CA ILE B 245 -23.08 -13.81 3.60
C ILE B 245 -23.24 -14.38 2.18
N THR B 246 -22.17 -14.26 1.39
CA THR B 246 -22.21 -14.77 0.02
C THR B 246 -21.66 -16.21 -0.05
N PRO B 247 -22.50 -17.16 -0.50
CA PRO B 247 -22.14 -18.57 -0.62
C PRO B 247 -21.12 -18.80 -1.73
N VAL B 248 -20.13 -19.64 -1.45
CA VAL B 248 -19.14 -19.97 -2.46
C VAL B 248 -19.38 -21.44 -2.82
N ILE B 249 -19.89 -21.66 -4.04
CA ILE B 249 -20.22 -23.01 -4.50
C ILE B 249 -19.18 -23.70 -5.39
N GLU B 250 -18.14 -22.98 -5.80
CA GLU B 250 -17.11 -23.58 -6.64
C GLU B 250 -15.78 -22.83 -6.69
N ILE B 251 -14.69 -23.54 -6.44
CA ILE B 251 -13.35 -22.96 -6.49
C ILE B 251 -12.53 -23.62 -7.61
N ASP B 252 -12.03 -22.83 -8.54
CA ASP B 252 -11.21 -23.35 -9.64
C ASP B 252 -11.80 -24.55 -10.35
N GLY B 253 -13.07 -24.46 -10.71
CA GLY B 253 -13.73 -25.56 -11.41
C GLY B 253 -13.97 -26.80 -10.58
N LYS B 254 -13.90 -26.66 -9.25
CA LYS B 254 -14.11 -27.77 -8.34
C LYS B 254 -15.30 -27.43 -7.44
N LEU B 255 -16.43 -28.08 -7.71
CA LEU B 255 -17.65 -27.89 -6.95
C LEU B 255 -17.45 -28.26 -5.49
N ILE B 256 -17.86 -27.37 -4.61
CA ILE B 256 -17.77 -27.63 -3.19
C ILE B 256 -18.95 -28.55 -2.90
N ARG B 257 -18.63 -29.80 -2.58
CA ARG B 257 -19.64 -30.83 -2.31
C ARG B 257 -20.41 -31.09 -3.61
N ASP B 258 -21.68 -30.70 -3.64
CA ASP B 258 -22.51 -30.87 -4.84
C ASP B 258 -22.63 -29.59 -5.66
N GLY B 259 -22.20 -28.48 -5.06
CA GLY B 259 -22.27 -27.19 -5.74
C GLY B 259 -23.57 -26.46 -5.46
N LYS B 260 -24.16 -26.70 -4.29
CA LYS B 260 -25.42 -26.06 -3.89
C LYS B 260 -25.23 -25.40 -2.52
N VAL B 261 -25.92 -24.28 -2.31
CA VAL B 261 -25.85 -23.55 -1.04
C VAL B 261 -26.32 -24.47 0.09
N GLY B 262 -25.46 -24.70 1.06
CA GLY B 262 -25.79 -25.58 2.18
C GLY B 262 -26.87 -25.10 3.13
N GLU B 263 -27.37 -26.01 3.96
CA GLU B 263 -28.42 -25.72 4.93
C GLU B 263 -27.97 -24.89 6.12
N TRP B 264 -26.73 -25.09 6.56
CA TRP B 264 -26.21 -24.32 7.68
C TRP B 264 -25.95 -22.88 7.23
N THR B 265 -25.52 -22.71 5.98
CA THR B 265 -25.26 -21.38 5.46
C THR B 265 -26.59 -20.62 5.54
N ARG B 266 -27.63 -21.24 4.99
CA ARG B 266 -28.98 -20.71 4.96
C ARG B 266 -29.48 -20.28 6.35
N LYS B 267 -29.19 -21.11 7.36
CA LYS B 267 -29.59 -20.81 8.73
C LYS B 267 -28.86 -19.56 9.20
N LEU B 268 -27.59 -19.45 8.85
CA LEU B 268 -26.79 -18.29 9.21
C LEU B 268 -27.32 -17.06 8.47
N GLN B 269 -27.64 -17.22 7.19
CA GLN B 269 -28.20 -16.13 6.38
C GLN B 269 -29.59 -15.74 6.93
N LYS B 270 -30.33 -16.72 7.44
CA LYS B 270 -31.65 -16.48 8.00
C LYS B 270 -31.56 -15.78 9.35
N GLN B 271 -30.55 -16.15 10.14
CA GLN B 271 -30.33 -15.55 11.46
C GLN B 271 -29.82 -14.13 11.29
N PHE B 272 -28.90 -13.96 10.35
CA PHE B 272 -28.31 -12.66 10.05
C PHE B 272 -29.38 -11.64 9.68
N GLU B 273 -30.27 -12.06 8.80
CA GLU B 273 -31.39 -11.27 8.28
C GLU B 273 -32.21 -10.60 9.38
N THR B 274 -32.32 -11.25 10.54
CA THR B 274 -33.08 -10.72 11.66
C THR B 274 -32.41 -9.49 12.30
N LYS B 275 -31.11 -9.35 12.08
CA LYS B 275 -30.36 -8.23 12.64
C LYS B 275 -30.33 -6.98 11.76
N ILE B 276 -30.75 -7.16 10.50
CA ILE B 276 -30.80 -6.10 9.50
C ILE B 276 -32.08 -5.25 9.69
N PRO B 277 -31.98 -3.90 9.50
CA PRO B 277 -33.10 -2.96 9.62
C PRO B 277 -34.12 -3.06 8.48
N1 PLP C . 14.86 0.87 -2.25
C2 PLP C . 13.52 1.00 -2.25
C2A PLP C . 12.74 0.06 -1.35
C3 PLP C . 12.98 2.01 -3.09
O3 PLP C . 11.62 2.12 -3.05
C4 PLP C . 13.80 2.83 -3.88
C4A PLP C . 13.22 3.86 -4.74
C5 PLP C . 15.21 2.57 -3.78
C6 PLP C . 15.70 1.60 -2.98
C5A PLP C . 16.28 3.35 -4.55
O4P PLP C . 16.30 3.21 -5.95
P PLP C . 17.13 4.32 -6.65
O1P PLP C . 16.91 4.15 -8.11
O2P PLP C . 16.61 5.71 -6.20
O3P PLP C . 18.53 4.12 -6.24
N1 PLP D . -11.06 -8.24 4.73
C2 PLP D . -10.27 -7.22 4.33
C2A PLP D . -8.83 -7.55 3.89
C3 PLP D . -10.85 -5.93 4.35
O3 PLP D . -10.01 -4.93 3.95
C4 PLP D . -12.18 -5.72 4.76
C4A PLP D . -12.75 -4.39 4.78
C5 PLP D . -12.89 -6.90 5.15
C6 PLP D . -12.34 -8.13 5.13
C5A PLP D . -14.36 -6.88 5.61
O4P PLP D . -14.62 -6.30 6.85
P PLP D . -16.14 -5.97 7.10
O1P PLP D . -16.22 -5.22 8.36
O2P PLP D . -16.65 -5.11 5.90
O3P PLP D . -16.86 -7.25 7.16
#